data_7DU9
#
_entry.id   7DU9
#
_cell.length_a   50.887
_cell.length_b   80.577
_cell.length_c   79.866
_cell.angle_alpha   90.000
_cell.angle_beta   99.720
_cell.angle_gamma   90.000
#
_symmetry.space_group_name_H-M   'P 1 21 1'
#
loop_
_entity.id
_entity.type
_entity.pdbx_description
1 polymer 'Proto-oncogene tyrosine-protein kinase receptor Ret'
2 non-polymer Pralsetinib
3 water water
#
_entity_poly.entity_id   1
_entity_poly.type   'polypeptide(L)'
_entity_poly.pdbx_seq_one_letter_code
;GPLSLSVDAFKILEDPKWEFPRKNLVLGKTLGEGEFGKVVKATAFHLKGRAGYTTVAVKMLKENASPSELRDLLSEFNVL
KQVNHPHVIKLYGACSQDGPLLLIVEYAKYGSLRGFLRESRKVGPGYLGSGGSRNSSSLDHPDERALTMGDLISFAWQIS
QGMQYLAEMKLVHRDLAARNILVAEGRKMKISDFGLSRDVYEEDSYVKRSQGRIPVKWMAIESLFDHIYTTQSDVWSFGV
LLWEIVTLGGNPYPGIPPERLFNLLKTGHRMERPDNCSEEMYRLMLQCWKQEPDKRPVFADISKDLEKMMVKRR
;
_entity_poly.pdbx_strand_id   A,B
#
loop_
_chem_comp.id
_chem_comp.type
_chem_comp.name
_chem_comp.formula
Q4J non-polymer Pralsetinib 'C27 H32 F N9 O2'
#
# COMPACT_ATOMS: atom_id res chain seq x y z
N ASP A 15 21.26 -18.57 1.78
CA ASP A 15 21.22 -19.62 2.86
C ASP A 15 20.94 -21.01 2.24
N PRO A 16 21.85 -22.00 2.41
CA PRO A 16 21.60 -23.33 1.82
C PRO A 16 20.43 -24.15 2.42
N LYS A 17 20.06 -23.91 3.68
CA LYS A 17 18.92 -24.59 4.32
C LYS A 17 17.55 -24.20 3.71
N TRP A 18 17.46 -22.97 3.17
CA TRP A 18 16.22 -22.40 2.63
C TRP A 18 16.15 -22.17 1.10
N GLU A 19 17.28 -22.22 0.40
CA GLU A 19 17.31 -21.92 -1.03
C GLU A 19 16.79 -23.14 -1.80
N PHE A 20 15.81 -22.92 -2.67
CA PHE A 20 15.14 -23.98 -3.43
C PHE A 20 15.52 -23.83 -4.92
N PRO A 21 15.84 -24.96 -5.64
CA PRO A 21 16.13 -24.86 -7.09
C PRO A 21 14.94 -24.30 -7.87
N ARG A 22 15.16 -23.23 -8.63
CA ARG A 22 14.06 -22.55 -9.36
C ARG A 22 13.36 -23.47 -10.39
N LYS A 23 14.13 -24.35 -11.04
CA LYS A 23 13.59 -25.33 -12.01
C LYS A 23 12.52 -26.28 -11.41
N ASN A 24 12.63 -26.55 -10.11
CA ASN A 24 11.69 -27.40 -9.36
C ASN A 24 10.39 -26.76 -8.94
N LEU A 25 10.30 -25.44 -9.00
CA LEU A 25 9.08 -24.69 -8.72
C LEU A 25 8.36 -24.39 -10.04
N VAL A 26 7.05 -24.59 -10.07
CA VAL A 26 6.18 -24.34 -11.23
C VAL A 26 5.01 -23.51 -10.71
N LEU A 27 4.86 -22.28 -11.21
CA LEU A 27 3.87 -21.32 -10.74
C LEU A 27 2.60 -21.46 -11.55
N GLY A 28 1.45 -21.37 -10.87
CA GLY A 28 0.12 -21.47 -11.47
C GLY A 28 -0.66 -20.17 -11.34
N LYS A 29 -1.95 -20.29 -11.05
CA LYS A 29 -2.88 -19.16 -11.03
C LYS A 29 -2.62 -18.22 -9.87
N THR A 30 -3.09 -16.99 -10.02
CA THR A 30 -3.02 -15.96 -8.99
C THR A 30 -4.20 -16.15 -8.04
N LEU A 31 -3.89 -16.38 -6.77
CA LEU A 31 -4.88 -16.57 -5.72
C LEU A 31 -5.42 -15.23 -5.24
N GLY A 32 -4.53 -14.26 -5.13
CA GLY A 32 -4.92 -12.85 -4.94
C GLY A 32 -3.75 -11.89 -5.11
N GLU A 33 -4.07 -10.60 -5.08
CA GLU A 33 -3.21 -9.57 -5.64
C GLU A 33 -3.37 -8.25 -4.90
N GLY A 34 -2.25 -7.61 -4.58
CA GLY A 34 -2.21 -6.21 -4.15
C GLY A 34 -1.78 -5.31 -5.30
N GLU A 35 -1.46 -4.06 -4.98
CA GLU A 35 -0.90 -3.09 -5.95
C GLU A 35 0.57 -3.40 -6.28
N PHE A 36 1.33 -3.84 -5.27
CA PHE A 36 2.78 -4.07 -5.34
C PHE A 36 3.25 -5.54 -5.33
N GLY A 37 2.34 -6.48 -5.08
CA GLY A 37 2.70 -7.91 -4.99
C GLY A 37 1.51 -8.84 -5.12
N LYS A 38 1.78 -10.14 -5.04
CA LYS A 38 0.75 -11.16 -5.26
C LYS A 38 1.10 -12.50 -4.64
N VAL A 39 0.07 -13.33 -4.51
CA VAL A 39 0.19 -14.71 -4.01
C VAL A 39 -0.36 -15.59 -5.11
N VAL A 40 0.49 -16.49 -5.64
CA VAL A 40 0.10 -17.46 -6.67
C VAL A 40 0.10 -18.88 -6.10
N LYS A 41 -0.83 -19.70 -6.60
CA LYS A 41 -0.81 -21.14 -6.33
C LYS A 41 0.28 -21.73 -7.18
N ALA A 42 0.99 -22.69 -6.62
CA ALA A 42 2.16 -23.28 -7.25
C ALA A 42 2.35 -24.74 -6.86
N THR A 43 3.38 -25.35 -7.42
CA THR A 43 3.81 -26.67 -7.04
C THR A 43 5.33 -26.77 -7.05
N ALA A 44 5.86 -27.61 -6.14
CA ALA A 44 7.29 -27.73 -5.86
C ALA A 44 7.69 -29.20 -5.89
N PHE A 45 8.76 -29.49 -6.65
CA PHE A 45 9.24 -30.84 -6.88
C PHE A 45 10.39 -31.09 -5.94
N HIS A 46 10.34 -32.22 -5.22
CA HIS A 46 11.41 -32.67 -4.34
C HIS A 46 11.69 -31.62 -3.24
N LEU A 47 10.62 -31.23 -2.56
CA LEU A 47 10.63 -30.17 -1.56
C LEU A 47 10.91 -30.73 -0.16
N LYS A 48 12.11 -30.45 0.38
CA LYS A 48 12.52 -30.80 1.76
C LYS A 48 12.21 -32.26 2.14
N GLY A 49 12.77 -33.18 1.36
CA GLY A 49 12.66 -34.62 1.61
C GLY A 49 11.53 -35.36 0.91
N ARG A 50 10.39 -34.69 0.66
CA ARG A 50 9.24 -35.28 -0.07
C ARG A 50 9.62 -35.76 -1.47
N ALA A 51 9.00 -36.87 -1.88
CA ALA A 51 9.11 -37.40 -3.23
C ALA A 51 8.03 -36.71 -4.06
N GLY A 52 8.32 -36.44 -5.33
CA GLY A 52 7.31 -35.90 -6.25
C GLY A 52 6.97 -34.44 -6.01
N TYR A 53 5.76 -34.07 -6.40
CA TYR A 53 5.28 -32.68 -6.34
C TYR A 53 4.44 -32.42 -5.08
N THR A 54 4.55 -31.20 -4.55
CA THR A 54 3.77 -30.72 -3.39
C THR A 54 3.13 -29.38 -3.76
N THR A 55 1.85 -29.21 -3.44
CA THR A 55 1.14 -27.95 -3.70
C THR A 55 1.56 -26.92 -2.64
N VAL A 56 1.91 -25.72 -3.13
CA VAL A 56 2.45 -24.63 -2.31
C VAL A 56 1.89 -23.28 -2.79
N ALA A 57 2.04 -22.28 -1.93
CA ALA A 57 1.76 -20.88 -2.27
C ALA A 57 3.08 -20.11 -2.42
N VAL A 58 3.13 -19.22 -3.40
CA VAL A 58 4.34 -18.43 -3.68
C VAL A 58 3.97 -16.97 -3.52
N LYS A 59 4.60 -16.29 -2.57
CA LYS A 59 4.46 -14.84 -2.36
C LYS A 59 5.60 -14.16 -3.14
N MET A 60 5.26 -13.13 -3.94
CA MET A 60 6.21 -12.43 -4.78
C MET A 60 5.79 -11.00 -5.14
N LEU A 61 6.76 -10.23 -5.62
CA LEU A 61 6.56 -8.83 -5.99
C LEU A 61 6.19 -8.65 -7.47
N LYS A 62 5.47 -7.58 -7.74
CA LYS A 62 5.22 -7.10 -9.10
C LYS A 62 6.40 -6.23 -9.57
N GLU A 63 6.40 -5.92 -10.87
CA GLU A 63 7.48 -5.12 -11.47
C GLU A 63 7.55 -3.67 -10.98
N ASN A 64 6.43 -3.15 -10.45
CA ASN A 64 6.36 -1.80 -9.81
C ASN A 64 6.73 -1.74 -8.29
N ALA A 65 7.53 -2.68 -7.80
CA ALA A 65 7.79 -2.81 -6.35
C ALA A 65 8.68 -1.70 -5.83
N SER A 66 8.31 -1.18 -4.65
CA SER A 66 9.08 -0.16 -3.94
C SER A 66 10.12 -0.84 -3.02
N PRO A 67 11.16 -0.07 -2.57
CA PRO A 67 12.13 -0.59 -1.58
C PRO A 67 11.52 -1.09 -0.28
N SER A 68 10.46 -0.42 0.20
CA SER A 68 9.74 -0.85 1.40
C SER A 68 9.06 -2.23 1.21
N GLU A 69 8.43 -2.46 0.05
CA GLU A 69 7.82 -3.77 -0.27
C GLU A 69 8.84 -4.91 -0.37
N LEU A 70 10.02 -4.59 -0.91
CA LEU A 70 11.14 -5.53 -1.00
C LEU A 70 11.74 -5.84 0.38
N ARG A 71 11.97 -4.78 1.18
CA ARG A 71 12.40 -4.93 2.59
C ARG A 71 11.42 -5.76 3.42
N ASP A 72 10.11 -5.54 3.22
CA ASP A 72 9.07 -6.32 3.91
C ASP A 72 9.03 -7.80 3.53
N LEU A 73 9.20 -8.12 2.24
CA LEU A 73 9.26 -9.52 1.78
C LEU A 73 10.52 -10.23 2.31
N LEU A 74 11.66 -9.53 2.28
CA LEU A 74 12.91 -9.99 2.91
C LEU A 74 12.77 -10.20 4.42
N SER A 75 12.06 -9.30 5.08
CA SER A 75 11.81 -9.40 6.52
C SER A 75 10.85 -10.55 6.86
N GLU A 76 9.82 -10.77 6.02
CA GLU A 76 8.90 -11.91 6.16
C GLU A 76 9.67 -13.24 6.09
N PHE A 77 10.61 -13.33 5.15
CA PHE A 77 11.49 -14.49 4.98
C PHE A 77 12.35 -14.71 6.23
N ASN A 78 13.05 -13.67 6.67
CA ASN A 78 13.87 -13.68 7.93
C ASN A 78 13.11 -14.18 9.16
N VAL A 79 11.94 -13.62 9.39
CA VAL A 79 11.06 -14.00 10.52
C VAL A 79 10.61 -15.47 10.40
N LEU A 80 10.13 -15.85 9.21
CA LEU A 80 9.65 -17.22 8.98
C LEU A 80 10.71 -18.35 9.08
N LYS A 81 11.99 -18.04 8.87
CA LYS A 81 13.11 -18.95 9.15
C LYS A 81 13.25 -19.33 10.63
N GLN A 82 12.88 -18.41 11.51
CA GLN A 82 13.08 -18.51 12.97
C GLN A 82 11.88 -19.00 13.78
N VAL A 83 10.66 -18.95 13.21
CA VAL A 83 9.42 -19.29 13.92
C VAL A 83 8.82 -20.55 13.34
N ASN A 84 8.56 -21.53 14.21
CA ASN A 84 7.80 -22.72 13.87
C ASN A 84 6.74 -22.90 14.94
N HIS A 85 5.48 -22.89 14.52
CA HIS A 85 4.33 -23.13 15.38
C HIS A 85 3.18 -23.73 14.53
N PRO A 86 2.34 -24.65 15.09
CA PRO A 86 1.24 -25.25 14.30
C PRO A 86 0.21 -24.29 13.68
N HIS A 87 -0.05 -23.18 14.35
CA HIS A 87 -0.87 -22.06 13.86
C HIS A 87 -0.14 -20.80 13.33
N VAL A 88 1.12 -20.95 12.91
CA VAL A 88 1.86 -19.95 12.13
C VAL A 88 2.13 -20.61 10.77
N ILE A 89 2.02 -19.83 9.69
CA ILE A 89 2.23 -20.33 8.32
C ILE A 89 3.66 -20.85 8.16
N LYS A 90 3.77 -22.01 7.53
CA LYS A 90 5.06 -22.71 7.41
C LYS A 90 5.78 -22.24 6.16
N LEU A 91 7.06 -21.85 6.34
CA LEU A 91 7.98 -21.55 5.25
C LEU A 91 8.69 -22.83 4.79
N TYR A 92 8.70 -23.09 3.47
CA TYR A 92 9.49 -24.17 2.88
C TYR A 92 10.81 -23.65 2.33
N GLY A 93 10.77 -22.51 1.64
CA GLY A 93 12.00 -21.87 1.19
C GLY A 93 11.82 -20.64 0.34
N ALA A 94 12.88 -20.32 -0.40
CA ALA A 94 12.85 -19.26 -1.39
C ALA A 94 13.73 -19.54 -2.62
N CYS A 95 13.28 -19.05 -3.78
CA CYS A 95 14.13 -18.86 -4.96
C CYS A 95 14.56 -17.40 -4.93
N SER A 96 15.85 -17.16 -4.69
CA SER A 96 16.40 -15.81 -4.46
C SER A 96 17.75 -15.55 -5.15
N GLN A 97 18.04 -16.26 -6.23
CA GLN A 97 19.26 -16.08 -7.04
C GLN A 97 18.92 -16.39 -8.49
N ASP A 98 19.46 -15.57 -9.41
CA ASP A 98 19.17 -15.65 -10.85
C ASP A 98 17.67 -15.54 -11.17
N GLY A 99 17.05 -14.52 -10.59
CA GLY A 99 15.61 -14.26 -10.76
C GLY A 99 15.01 -13.35 -9.69
N PRO A 100 13.68 -13.16 -9.73
CA PRO A 100 12.98 -12.48 -8.62
C PRO A 100 12.93 -13.32 -7.34
N LEU A 101 12.75 -12.65 -6.21
CA LEU A 101 12.60 -13.32 -4.91
C LEU A 101 11.20 -13.94 -4.82
N LEU A 102 11.16 -15.27 -4.77
CA LEU A 102 9.91 -16.04 -4.68
C LEU A 102 9.93 -16.72 -3.32
N LEU A 103 8.89 -16.49 -2.53
CA LEU A 103 8.81 -16.99 -1.17
C LEU A 103 7.83 -18.16 -1.14
N ILE A 104 8.32 -19.36 -0.80
CA ILE A 104 7.54 -20.62 -0.91
C ILE A 104 7.01 -20.98 0.48
N VAL A 105 5.68 -20.96 0.62
CA VAL A 105 4.99 -21.17 1.91
C VAL A 105 3.88 -22.20 1.78
N GLU A 106 3.34 -22.67 2.91
CA GLU A 106 2.34 -23.75 2.89
C GLU A 106 1.04 -23.28 2.27
N TYR A 107 0.40 -24.19 1.53
CA TYR A 107 -0.87 -23.91 0.91
C TYR A 107 -1.99 -24.17 1.91
N ALA A 108 -2.67 -23.09 2.30
CA ALA A 108 -3.90 -23.14 3.11
C ALA A 108 -5.07 -23.17 2.17
N LYS A 109 -5.86 -24.25 2.16
CA LYS A 109 -6.85 -24.50 1.08
C LYS A 109 -8.10 -23.60 1.05
N TYR A 110 -8.54 -23.09 2.20
CA TYR A 110 -9.75 -22.24 2.28
C TYR A 110 -9.49 -20.73 2.14
N GLY A 111 -8.22 -20.30 1.98
CA GLY A 111 -7.88 -18.88 1.86
C GLY A 111 -7.94 -18.15 3.19
N SER A 112 -8.27 -16.85 3.14
CA SER A 112 -8.29 -16.02 4.35
C SER A 112 -9.46 -16.37 5.26
N LEU A 113 -9.27 -16.12 6.56
CA LEU A 113 -10.32 -16.26 7.56
C LEU A 113 -11.51 -15.37 7.25
N ARG A 114 -11.24 -14.13 6.86
CA ARG A 114 -12.28 -13.21 6.41
C ARG A 114 -13.08 -13.82 5.27
N GLY A 115 -12.38 -14.27 4.23
CA GLY A 115 -13.01 -14.89 3.06
C GLY A 115 -13.79 -16.16 3.37
N PHE A 116 -13.19 -17.01 4.20
CA PHE A 116 -13.84 -18.21 4.72
C PHE A 116 -15.12 -17.89 5.47
N LEU A 117 -15.04 -16.92 6.40
CA LEU A 117 -16.19 -16.54 7.24
C LEU A 117 -17.29 -15.81 6.48
N ARG A 118 -16.92 -14.89 5.58
CA ARG A 118 -17.87 -14.25 4.64
C ARG A 118 -18.56 -15.26 3.71
N GLU A 119 -17.84 -16.31 3.30
CA GLU A 119 -18.45 -17.41 2.53
C GLU A 119 -19.50 -18.21 3.33
N SER A 120 -19.27 -18.43 4.63
CA SER A 120 -20.24 -19.14 5.51
C SER A 120 -21.61 -18.45 5.71
N ARG A 121 -21.70 -17.13 5.46
CA ARG A 121 -22.99 -16.45 5.33
C ARG A 121 -23.78 -16.98 4.13
N LYS A 122 -23.11 -17.00 2.98
CA LYS A 122 -23.68 -17.42 1.69
C LYS A 122 -23.82 -18.94 1.51
N VAL A 123 -22.80 -19.69 1.95
CA VAL A 123 -22.62 -21.12 1.66
C VAL A 123 -23.15 -21.98 2.81
N GLY A 124 -24.09 -22.86 2.48
CA GLY A 124 -24.68 -23.80 3.42
C GLY A 124 -23.70 -24.90 3.86
N PRO A 125 -23.92 -25.56 5.02
CA PRO A 125 -24.98 -25.28 5.99
C PRO A 125 -24.91 -23.90 6.69
N GLY A 126 -23.72 -23.31 6.71
CA GLY A 126 -23.51 -21.94 7.14
C GLY A 126 -23.43 -21.84 8.65
N TYR A 127 -23.53 -20.60 9.15
CA TYR A 127 -23.47 -20.34 10.58
C TYR A 127 -24.77 -20.78 11.28
N LEU A 128 -24.62 -21.58 12.35
CA LEU A 128 -25.75 -22.25 13.04
C LEU A 128 -25.97 -21.90 14.54
N GLY A 129 -25.17 -20.97 15.09
CA GLY A 129 -25.34 -20.48 16.46
C GLY A 129 -24.90 -21.48 17.53
N ASP A 143 -20.19 -30.51 7.15
CA ASP A 143 -19.15 -30.58 8.18
C ASP A 143 -18.19 -29.39 8.06
N GLU A 144 -17.46 -29.31 6.95
CA GLU A 144 -16.44 -28.26 6.73
C GLU A 144 -17.00 -26.84 6.47
N ARG A 145 -18.27 -26.74 6.04
CA ARG A 145 -18.98 -25.46 5.87
C ARG A 145 -20.01 -25.10 6.97
N ALA A 146 -20.39 -26.07 7.81
CA ALA A 146 -21.21 -25.82 9.01
C ALA A 146 -20.35 -25.22 10.12
N LEU A 147 -20.72 -24.02 10.62
CA LEU A 147 -20.04 -23.35 11.73
C LEU A 147 -20.99 -23.12 12.91
N THR A 148 -20.48 -23.32 14.12
CA THR A 148 -21.14 -23.01 15.39
C THR A 148 -20.32 -21.93 16.11
N MET A 149 -20.88 -21.38 17.18
CA MET A 149 -20.15 -20.45 18.05
C MET A 149 -18.94 -21.14 18.71
N GLY A 150 -19.09 -22.42 19.06
CA GLY A 150 -17.97 -23.31 19.44
C GLY A 150 -16.77 -23.29 18.50
N ASP A 151 -17.03 -23.35 17.19
CA ASP A 151 -15.98 -23.30 16.16
C ASP A 151 -15.30 -21.94 16.04
N LEU A 152 -16.08 -20.86 16.16
CA LEU A 152 -15.56 -19.48 16.15
C LEU A 152 -14.61 -19.21 17.32
N ILE A 153 -14.97 -19.69 18.52
CA ILE A 153 -14.11 -19.61 19.73
C ILE A 153 -12.82 -20.40 19.52
N SER A 154 -12.95 -21.60 18.95
CA SER A 154 -11.80 -22.44 18.57
C SER A 154 -10.81 -21.72 17.65
N PHE A 155 -11.32 -21.02 16.64
CA PHE A 155 -10.49 -20.28 15.68
C PHE A 155 -9.71 -19.20 16.40
N ALA A 156 -10.41 -18.38 17.18
CA ALA A 156 -9.79 -17.35 18.04
C ALA A 156 -8.73 -17.93 18.99
N TRP A 157 -9.03 -19.08 19.60
CA TRP A 157 -8.09 -19.77 20.49
C TRP A 157 -6.80 -20.22 19.79
N GLN A 158 -6.91 -20.74 18.56
CA GLN A 158 -5.75 -21.16 17.75
C GLN A 158 -4.79 -20.00 17.43
N ILE A 159 -5.38 -18.88 17.02
CA ILE A 159 -4.68 -17.65 16.69
C ILE A 159 -4.02 -17.06 17.93
N SER A 160 -4.76 -17.04 19.03
CA SER A 160 -4.24 -16.65 20.35
C SER A 160 -3.04 -17.50 20.80
N GLN A 161 -3.10 -18.81 20.58
CA GLN A 161 -1.95 -19.72 20.83
C GLN A 161 -0.71 -19.38 19.97
N GLY A 162 -0.94 -19.04 18.70
CA GLY A 162 0.14 -18.61 17.82
C GLY A 162 0.74 -17.28 18.25
N MET A 163 -0.11 -16.31 18.59
CA MET A 163 0.35 -15.01 19.13
C MET A 163 1.06 -15.14 20.48
N GLN A 164 0.60 -16.05 21.33
CA GLN A 164 1.32 -16.40 22.58
C GLN A 164 2.78 -16.75 22.30
N TYR A 165 3.00 -17.67 21.35
CA TYR A 165 4.33 -18.07 20.88
C TYR A 165 5.14 -16.93 20.23
N LEU A 166 4.51 -16.17 19.34
CA LEU A 166 5.14 -15.02 18.69
C LEU A 166 5.54 -13.91 19.67
N ALA A 167 4.68 -13.62 20.65
CA ALA A 167 5.07 -12.74 21.78
C ALA A 167 6.23 -13.29 22.62
N GLU A 168 6.29 -14.62 22.82
CA GLU A 168 7.46 -15.25 23.48
C GLU A 168 8.76 -15.10 22.68
N MET A 169 8.66 -15.08 21.34
CA MET A 169 9.83 -14.88 20.45
C MET A 169 10.31 -13.40 20.32
N LYS A 170 9.66 -12.47 21.04
CA LYS A 170 9.96 -11.03 21.05
C LYS A 170 9.67 -10.43 19.67
N LEU A 171 8.42 -10.60 19.26
CA LEU A 171 8.00 -10.44 17.88
C LEU A 171 6.58 -9.86 17.84
N VAL A 172 6.48 -8.56 17.57
CA VAL A 172 5.17 -7.90 17.38
C VAL A 172 4.76 -8.05 15.93
N HIS A 173 3.58 -8.62 15.70
CA HIS A 173 3.07 -8.88 14.35
C HIS A 173 2.60 -7.57 13.68
N ARG A 174 1.87 -6.75 14.44
CA ARG A 174 1.39 -5.40 14.06
C ARG A 174 0.16 -5.38 13.15
N ASP A 175 0.14 -6.27 12.15
CA ASP A 175 -0.95 -6.38 11.17
C ASP A 175 -1.90 -7.58 11.40
N LEU A 176 -2.26 -7.83 12.65
CA LEU A 176 -3.17 -8.93 12.98
C LEU A 176 -4.61 -8.58 12.61
N ALA A 177 -5.18 -9.36 11.69
CA ALA A 177 -6.51 -9.14 11.15
C ALA A 177 -6.99 -10.38 10.42
N ALA A 178 -8.28 -10.48 10.18
CA ALA A 178 -8.90 -11.69 9.60
C ALA A 178 -8.51 -11.93 8.13
N ARG A 179 -8.23 -10.84 7.40
CA ARG A 179 -7.60 -10.94 6.07
C ARG A 179 -6.19 -11.57 6.08
N ASN A 180 -5.46 -11.45 7.19
CA ASN A 180 -4.08 -11.96 7.39
C ASN A 180 -3.93 -13.29 8.17
N ILE A 181 -5.05 -13.92 8.52
CA ILE A 181 -5.07 -15.30 8.99
C ILE A 181 -5.51 -16.13 7.78
N LEU A 182 -4.87 -17.27 7.59
CA LEU A 182 -5.27 -18.26 6.57
C LEU A 182 -5.90 -19.48 7.24
N VAL A 183 -6.76 -20.17 6.50
CA VAL A 183 -7.54 -21.32 6.98
C VAL A 183 -7.11 -22.56 6.18
N ALA A 184 -6.41 -23.48 6.86
CA ALA A 184 -5.84 -24.69 6.26
C ALA A 184 -6.77 -25.91 6.41
N GLU A 185 -6.33 -27.02 5.78
CA GLU A 185 -6.91 -28.37 5.96
C GLU A 185 -7.23 -28.67 7.43
N GLY A 186 -8.44 -29.19 7.66
CA GLY A 186 -8.99 -29.38 9.01
C GLY A 186 -9.43 -28.10 9.73
N ARG A 187 -9.78 -27.06 8.96
CA ARG A 187 -10.05 -25.70 9.49
C ARG A 187 -9.03 -25.20 10.54
N LYS A 188 -7.75 -25.33 10.17
CA LYS A 188 -6.65 -24.93 11.05
C LYS A 188 -6.21 -23.51 10.72
N MET A 189 -6.17 -22.66 11.75
CA MET A 189 -5.80 -21.25 11.60
C MET A 189 -4.29 -21.17 11.42
N LYS A 190 -3.86 -20.36 10.45
CA LYS A 190 -2.43 -20.12 10.17
C LYS A 190 -2.21 -18.60 10.12
N ILE A 191 -1.53 -18.06 11.13
CA ILE A 191 -1.17 -16.63 11.12
C ILE A 191 -0.18 -16.43 9.95
N SER A 192 -0.50 -15.48 9.09
CA SER A 192 0.29 -15.15 7.92
C SER A 192 0.55 -13.62 7.83
N ASP A 193 1.19 -13.22 6.72
CA ASP A 193 1.44 -11.83 6.36
C ASP A 193 2.28 -11.14 7.44
N PHE A 194 3.51 -11.65 7.56
CA PHE A 194 4.57 -11.19 8.47
C PHE A 194 5.46 -10.03 7.97
N GLY A 195 5.13 -9.39 6.84
CA GLY A 195 5.95 -8.31 6.28
C GLY A 195 6.08 -7.04 7.13
N LEU A 196 5.05 -6.77 7.92
CA LEU A 196 5.04 -5.63 8.86
C LEU A 196 5.48 -5.97 10.28
N SER A 197 5.79 -7.24 10.58
CA SER A 197 6.17 -7.66 11.93
C SER A 197 7.58 -7.21 12.28
N ARG A 198 7.81 -6.85 13.54
CA ARG A 198 9.11 -6.35 13.99
C ARG A 198 9.62 -7.07 15.23
N ASP A 199 10.95 -7.12 15.34
CA ASP A 199 11.63 -7.61 16.54
C ASP A 199 11.48 -6.54 17.64
N VAL A 200 11.29 -6.98 18.89
CA VAL A 200 11.16 -6.07 20.05
C VAL A 200 12.00 -6.52 21.27
N TYR A 201 13.13 -7.20 21.06
CA TYR A 201 14.04 -7.53 22.19
C TYR A 201 14.63 -6.27 22.89
N GLU A 202 14.89 -5.21 22.10
CA GLU A 202 15.47 -3.93 22.60
C GLU A 202 14.82 -3.44 23.90
N GLU A 203 13.54 -3.05 23.81
CA GLU A 203 12.81 -2.34 24.88
C GLU A 203 11.37 -2.87 25.09
N ASP A 204 11.11 -4.11 24.67
CA ASP A 204 9.75 -4.68 24.53
C ASP A 204 8.75 -3.85 23.67
N SER A 205 9.28 -3.00 22.78
CA SER A 205 8.50 -2.08 21.95
C SER A 205 9.19 -1.80 20.61
N TYR A 206 8.37 -1.53 19.59
CA TYR A 206 8.82 -1.07 18.29
C TYR A 206 8.23 0.33 18.09
N VAL A 207 9.10 1.31 17.87
CA VAL A 207 8.73 2.70 17.62
C VAL A 207 9.34 3.11 16.30
N LYS A 208 8.49 3.64 15.41
CA LYS A 208 8.94 4.27 14.16
C LYS A 208 8.50 5.74 14.19
N ARG A 209 9.43 6.60 13.78
CA ARG A 209 9.19 8.05 13.66
C ARG A 209 8.11 8.38 12.62
N SER A 210 8.16 7.70 11.48
CA SER A 210 7.23 7.93 10.37
C SER A 210 5.90 7.18 10.58
N GLN A 211 4.94 7.44 9.69
CA GLN A 211 3.59 6.90 9.79
C GLN A 211 3.56 5.44 9.35
N GLY A 212 2.78 4.62 10.04
CA GLY A 212 2.70 3.19 9.79
C GLY A 212 1.77 2.83 8.64
N ARG A 213 1.92 1.62 8.11
CA ARG A 213 1.07 1.08 7.03
C ARG A 213 0.03 0.03 7.52
N ILE A 214 -0.28 0.01 8.81
CA ILE A 214 -1.34 -0.86 9.37
C ILE A 214 -2.61 -0.06 9.12
N PRO A 215 -3.69 -0.71 8.61
CA PRO A 215 -4.98 -0.01 8.57
C PRO A 215 -5.40 0.56 9.94
N VAL A 216 -5.93 1.79 9.93
CA VAL A 216 -6.23 2.55 11.17
C VAL A 216 -7.22 1.84 12.09
N LYS A 217 -8.22 1.18 11.52
CA LYS A 217 -9.24 0.46 12.31
C LYS A 217 -8.76 -0.79 13.08
N TRP A 218 -7.52 -1.25 12.85
CA TRP A 218 -6.94 -2.35 13.64
C TRP A 218 -5.88 -1.91 14.62
N MET A 219 -5.58 -0.61 14.66
CA MET A 219 -4.49 -0.08 15.47
C MET A 219 -4.98 0.26 16.87
N ALA A 220 -4.13 -0.05 17.84
CA ALA A 220 -4.25 0.46 19.19
C ALA A 220 -4.12 1.97 19.25
N ILE A 221 -4.72 2.56 20.28
CA ILE A 221 -4.71 3.99 20.52
C ILE A 221 -3.29 4.58 20.65
N GLU A 222 -2.40 3.87 21.34
CA GLU A 222 -1.00 4.29 21.51
C GLU A 222 -0.17 4.13 20.22
N SER A 223 -0.51 3.15 19.39
CA SER A 223 0.10 3.00 18.05
C SER A 223 -0.32 4.15 17.10
N LEU A 224 -1.59 4.51 17.11
CA LEU A 224 -2.15 5.60 16.29
C LEU A 224 -1.63 7.00 16.68
N PHE A 225 -1.75 7.33 17.97
CA PHE A 225 -1.31 8.64 18.49
C PHE A 225 0.22 8.72 18.69
N ASP A 226 0.80 7.69 19.34
CA ASP A 226 2.18 7.72 19.83
C ASP A 226 3.21 6.89 19.05
N HIS A 227 2.77 6.15 18.03
CA HIS A 227 3.65 5.28 17.20
C HIS A 227 4.30 4.10 17.99
N ILE A 228 3.70 3.68 19.11
CA ILE A 228 4.28 2.62 19.96
C ILE A 228 3.60 1.29 19.60
N TYR A 229 4.39 0.28 19.26
CA TYR A 229 3.89 -1.05 18.95
C TYR A 229 4.51 -2.04 19.92
N THR A 230 3.66 -2.74 20.68
CA THR A 230 4.08 -3.79 21.62
C THR A 230 3.18 -5.01 21.40
N THR A 231 3.46 -6.08 22.14
CA THR A 231 2.53 -7.23 22.26
C THR A 231 1.12 -6.79 22.68
N GLN A 232 1.04 -5.80 23.58
CA GLN A 232 -0.24 -5.24 24.03
C GLN A 232 -1.05 -4.48 22.94
N SER A 233 -0.39 -3.90 21.93
CA SER A 233 -1.11 -3.39 20.74
C SER A 233 -1.51 -4.52 19.79
N ASP A 234 -0.80 -5.64 19.76
CA ASP A 234 -1.29 -6.87 19.10
C ASP A 234 -2.55 -7.43 19.79
N VAL A 235 -2.63 -7.27 21.10
CA VAL A 235 -3.81 -7.62 21.90
C VAL A 235 -5.02 -6.78 21.48
N TRP A 236 -4.82 -5.46 21.29
CA TRP A 236 -5.88 -4.59 20.73
C TRP A 236 -6.35 -5.15 19.40
N SER A 237 -5.42 -5.31 18.46
CA SER A 237 -5.71 -5.85 17.13
C SER A 237 -6.42 -7.20 17.15
N PHE A 238 -6.00 -8.08 18.07
CA PHE A 238 -6.70 -9.34 18.33
C PHE A 238 -8.15 -9.15 18.79
N GLY A 239 -8.38 -8.13 19.60
CA GLY A 239 -9.74 -7.73 19.97
C GLY A 239 -10.60 -7.35 18.77
N VAL A 240 -9.99 -6.64 17.81
CA VAL A 240 -10.65 -6.31 16.53
C VAL A 240 -10.88 -7.59 15.71
N LEU A 241 -9.92 -8.52 15.73
CA LEU A 241 -10.07 -9.83 15.07
C LEU A 241 -11.23 -10.65 15.66
N LEU A 242 -11.37 -10.62 16.99
CA LEU A 242 -12.52 -11.26 17.69
C LEU A 242 -13.86 -10.78 17.18
N TRP A 243 -13.99 -9.45 17.06
CA TRP A 243 -15.17 -8.80 16.49
C TRP A 243 -15.43 -9.25 15.03
N GLU A 244 -14.38 -9.27 14.21
CA GLU A 244 -14.46 -9.83 12.83
C GLU A 244 -14.93 -11.27 12.80
N ILE A 245 -14.42 -12.09 13.72
CA ILE A 245 -14.78 -13.50 13.82
C ILE A 245 -16.27 -13.71 14.14
N VAL A 246 -16.77 -13.05 15.19
CA VAL A 246 -18.17 -13.22 15.64
C VAL A 246 -19.23 -12.63 14.67
N THR A 247 -18.88 -11.56 13.96
CA THR A 247 -19.72 -10.99 12.87
C THR A 247 -19.51 -11.68 11.49
N LEU A 248 -18.72 -12.76 11.44
CA LEU A 248 -18.49 -13.56 10.24
C LEU A 248 -17.82 -12.75 9.11
N GLY A 249 -16.73 -12.10 9.50
CA GLY A 249 -15.97 -11.20 8.63
C GLY A 249 -16.70 -9.90 8.42
N GLY A 250 -17.01 -9.22 9.52
CA GLY A 250 -17.59 -7.87 9.46
C GLY A 250 -16.51 -6.85 9.22
N ASN A 251 -16.91 -5.70 8.70
CA ASN A 251 -16.02 -4.54 8.52
C ASN A 251 -16.04 -3.75 9.83
N PRO A 252 -14.89 -3.61 10.53
CA PRO A 252 -14.92 -2.86 11.82
C PRO A 252 -15.29 -1.39 11.69
N TYR A 253 -15.90 -0.83 12.74
CA TYR A 253 -16.35 0.56 12.80
C TYR A 253 -17.16 0.93 11.55
N PRO A 254 -18.21 0.14 11.26
CA PRO A 254 -18.88 0.20 9.94
C PRO A 254 -19.48 1.57 9.63
N GLY A 255 -19.17 2.09 8.44
CA GLY A 255 -19.61 3.42 8.02
C GLY A 255 -18.83 4.62 8.53
N ILE A 256 -17.81 4.40 9.39
CA ILE A 256 -17.06 5.49 10.04
C ILE A 256 -15.74 5.67 9.26
N PRO A 257 -15.44 6.90 8.76
CA PRO A 257 -14.16 7.17 8.09
C PRO A 257 -12.95 6.97 9.00
N PRO A 258 -11.81 6.51 8.44
CA PRO A 258 -10.68 6.17 9.35
C PRO A 258 -10.05 7.35 10.09
N GLU A 259 -10.08 8.55 9.50
CA GLU A 259 -9.69 9.78 10.20
C GLU A 259 -10.51 10.09 11.46
N ARG A 260 -11.78 9.63 11.52
CA ARG A 260 -12.60 9.78 12.73
C ARG A 260 -12.16 8.93 13.92
N LEU A 261 -11.39 7.85 13.69
CA LEU A 261 -10.87 6.98 14.79
C LEU A 261 -10.01 7.67 15.84
N PHE A 262 -9.27 8.73 15.45
CA PHE A 262 -8.45 9.50 16.40
C PHE A 262 -9.29 10.01 17.55
N ASN A 263 -10.31 10.80 17.22
CA ASN A 263 -11.21 11.38 18.20
C ASN A 263 -12.16 10.38 18.87
N LEU A 264 -12.67 9.41 18.10
CA LEU A 264 -13.55 8.34 18.59
C LEU A 264 -12.88 7.55 19.76
N LEU A 265 -11.66 7.08 19.55
CA LEU A 265 -10.93 6.30 20.57
C LEU A 265 -10.48 7.11 21.79
N LYS A 266 -10.08 8.36 21.56
CA LYS A 266 -9.55 9.25 22.60
C LYS A 266 -10.62 9.60 23.63
N THR A 267 -11.82 9.93 23.13
CA THR A 267 -12.98 10.24 23.96
C THR A 267 -13.56 9.06 24.75
N GLY A 268 -13.23 7.82 24.36
CA GLY A 268 -13.63 6.60 25.10
C GLY A 268 -14.49 5.60 24.33
N HIS A 269 -14.92 5.95 23.11
CA HIS A 269 -15.82 5.12 22.33
C HIS A 269 -15.12 3.87 21.81
N ARG A 270 -15.86 2.76 21.82
CA ARG A 270 -15.44 1.49 21.23
C ARG A 270 -16.61 0.91 20.46
N MET A 271 -16.32 -0.04 19.56
CA MET A 271 -17.36 -0.80 18.85
C MET A 271 -18.36 -1.43 19.83
N GLU A 272 -19.65 -1.34 19.48
CA GLU A 272 -20.73 -1.90 20.31
C GLU A 272 -20.78 -3.41 20.21
N ARG A 273 -21.56 -4.02 21.10
CA ARG A 273 -21.69 -5.47 21.18
C ARG A 273 -22.42 -5.94 19.92
N PRO A 274 -21.73 -6.72 19.03
CA PRO A 274 -22.44 -7.22 17.84
C PRO A 274 -23.50 -8.25 18.20
N ASP A 275 -24.63 -8.24 17.49
CA ASP A 275 -25.60 -9.34 17.56
C ASP A 275 -24.86 -10.62 17.09
N ASN A 276 -25.10 -11.73 17.80
CA ASN A 276 -24.30 -12.98 17.71
C ASN A 276 -22.95 -12.87 18.51
N CYS A 277 -23.05 -12.46 19.77
CA CYS A 277 -21.88 -12.31 20.67
C CYS A 277 -22.31 -12.31 22.13
N SER A 278 -21.69 -13.18 22.94
CA SER A 278 -22.00 -13.25 24.37
C SER A 278 -21.44 -12.06 25.14
N GLU A 279 -22.00 -11.83 26.33
CA GLU A 279 -21.46 -10.89 27.31
C GLU A 279 -19.99 -11.19 27.64
N GLU A 280 -19.69 -12.47 27.83
CA GLU A 280 -18.36 -12.97 28.20
C GLU A 280 -17.31 -12.66 27.13
N MET A 281 -17.68 -12.93 25.87
CA MET A 281 -16.87 -12.63 24.69
C MET A 281 -16.69 -11.11 24.49
N TYR A 282 -17.75 -10.32 24.69
CA TYR A 282 -17.69 -8.86 24.55
C TYR A 282 -16.83 -8.20 25.64
N ARG A 283 -16.92 -8.71 26.88
CA ARG A 283 -15.99 -8.30 27.95
C ARG A 283 -14.52 -8.52 27.58
N LEU A 284 -14.23 -9.65 26.93
CA LEU A 284 -12.89 -9.94 26.42
C LEU A 284 -12.42 -8.94 25.35
N MET A 285 -13.33 -8.57 24.44
CA MET A 285 -13.07 -7.49 23.46
C MET A 285 -12.79 -6.15 24.10
N LEU A 286 -13.70 -5.73 25.00
CA LEU A 286 -13.52 -4.47 25.76
C LEU A 286 -12.23 -4.46 26.60
N GLN A 287 -11.82 -5.63 27.12
CA GLN A 287 -10.53 -5.80 27.81
C GLN A 287 -9.34 -5.54 26.89
N CYS A 288 -9.38 -6.14 25.70
CA CYS A 288 -8.38 -5.91 24.67
C CYS A 288 -8.25 -4.44 24.20
N TRP A 289 -9.36 -3.69 24.27
CA TRP A 289 -9.42 -2.29 23.87
C TRP A 289 -9.36 -1.27 25.02
N LYS A 290 -8.78 -1.64 26.16
CA LYS A 290 -8.53 -0.67 27.23
C LYS A 290 -7.48 0.35 26.75
N GLN A 291 -7.67 1.61 27.13
CA GLN A 291 -6.74 2.70 26.79
C GLN A 291 -5.34 2.40 27.30
N GLU A 292 -5.26 2.08 28.59
CA GLU A 292 -4.00 1.73 29.25
C GLU A 292 -3.55 0.31 28.83
N PRO A 293 -2.36 0.17 28.18
CA PRO A 293 -1.94 -1.18 27.69
C PRO A 293 -1.60 -2.25 28.76
N ASP A 294 -1.19 -1.83 29.97
CA ASP A 294 -0.97 -2.75 31.10
C ASP A 294 -2.27 -3.39 31.62
N LYS A 295 -3.40 -2.68 31.48
CA LYS A 295 -4.73 -3.18 31.92
C LYS A 295 -5.38 -4.17 30.93
N ARG A 296 -4.82 -4.31 29.73
CA ARG A 296 -5.26 -5.32 28.74
C ARG A 296 -4.69 -6.70 29.11
N PRO A 297 -5.37 -7.79 28.70
CA PRO A 297 -4.86 -9.12 29.01
C PRO A 297 -3.70 -9.51 28.07
N VAL A 298 -2.76 -10.31 28.58
CA VAL A 298 -1.69 -10.92 27.77
C VAL A 298 -2.28 -12.12 27.02
N PHE A 299 -1.58 -12.58 25.98
CA PHE A 299 -2.09 -13.66 25.12
C PHE A 299 -2.31 -15.01 25.82
N ALA A 300 -1.53 -15.30 26.87
CA ALA A 300 -1.73 -16.50 27.70
C ALA A 300 -3.04 -16.49 28.51
N ASP A 301 -3.46 -15.29 28.95
CA ASP A 301 -4.75 -15.10 29.62
C ASP A 301 -5.91 -15.21 28.63
N ILE A 302 -5.71 -14.66 27.44
CA ILE A 302 -6.73 -14.70 26.38
C ILE A 302 -7.02 -16.15 26.01
N SER A 303 -5.97 -16.95 25.80
CA SER A 303 -6.09 -18.42 25.58
C SER A 303 -6.89 -19.15 26.67
N LYS A 304 -6.66 -18.79 27.93
CA LYS A 304 -7.41 -19.34 29.07
C LYS A 304 -8.89 -18.93 29.06
N ASP A 305 -9.17 -17.66 28.82
CA ASP A 305 -10.57 -17.15 28.70
C ASP A 305 -11.35 -17.92 27.64
N LEU A 306 -10.74 -18.07 26.46
CA LEU A 306 -11.35 -18.82 25.35
C LEU A 306 -11.54 -20.32 25.66
N GLU A 307 -10.60 -20.90 26.41
CA GLU A 307 -10.75 -22.27 26.96
C GLU A 307 -11.94 -22.40 27.93
N LYS A 308 -12.06 -21.46 28.86
CA LYS A 308 -13.22 -21.42 29.80
C LYS A 308 -14.55 -21.17 29.08
N MET A 309 -14.54 -20.40 27.98
CA MET A 309 -15.73 -20.23 27.10
C MET A 309 -16.10 -21.51 26.37
N MET A 310 -15.09 -22.19 25.82
CA MET A 310 -15.28 -23.47 25.11
C MET A 310 -15.93 -24.56 25.96
N VAL A 311 -15.31 -24.83 27.12
CA VAL A 311 -15.77 -25.88 28.04
C VAL A 311 -17.21 -25.67 28.55
N LYS A 312 -17.59 -24.41 28.75
CA LYS A 312 -18.97 -24.03 29.08
C LYS A 312 -19.83 -23.98 27.81
N GLY B 1 0.37 12.40 17.97
CA GLY B 1 1.54 12.50 17.04
C GLY B 1 1.28 13.45 15.88
N PRO B 2 2.20 13.48 14.89
CA PRO B 2 2.13 14.37 13.71
C PRO B 2 0.80 14.31 12.97
N LEU B 3 0.25 13.10 12.84
CA LEU B 3 -0.98 12.88 12.08
C LEU B 3 -2.21 13.31 12.87
N SER B 4 -2.31 12.90 14.13
CA SER B 4 -3.40 13.41 14.99
C SER B 4 -3.47 14.96 15.08
N LEU B 5 -2.32 15.63 15.05
CA LEU B 5 -2.28 17.11 15.01
C LEU B 5 -2.77 17.68 13.68
N SER B 6 -2.31 17.09 12.58
CA SER B 6 -2.75 17.47 11.24
C SER B 6 -4.24 17.23 11.04
N VAL B 7 -4.71 16.02 11.38
CA VAL B 7 -6.14 15.68 11.26
C VAL B 7 -7.00 16.66 12.06
N ASP B 8 -6.64 16.92 13.31
CA ASP B 8 -7.37 17.88 14.16
C ASP B 8 -7.35 19.31 13.58
N ALA B 9 -6.15 19.77 13.19
CA ALA B 9 -5.96 21.08 12.51
C ALA B 9 -6.82 21.21 11.26
N PHE B 10 -6.80 20.16 10.45
CA PHE B 10 -7.59 20.06 9.24
C PHE B 10 -9.11 20.10 9.48
N LYS B 11 -9.59 19.45 10.53
CA LYS B 11 -10.96 19.63 11.02
C LYS B 11 -11.01 20.89 11.90
N PRO B 16 -11.46 28.17 4.99
CA PRO B 16 -12.51 29.02 4.40
C PRO B 16 -12.33 29.19 2.90
N LYS B 17 -11.14 29.64 2.51
CA LYS B 17 -10.69 29.71 1.10
C LYS B 17 -10.75 28.36 0.35
N TRP B 18 -10.47 27.27 1.08
CA TRP B 18 -10.42 25.91 0.56
C TRP B 18 -11.52 24.96 1.05
N GLU B 19 -12.36 25.36 2.00
CA GLU B 19 -13.48 24.52 2.45
C GLU B 19 -14.67 24.63 1.49
N PHE B 20 -14.88 23.58 0.69
CA PHE B 20 -16.03 23.48 -0.20
C PHE B 20 -17.24 22.89 0.55
N PRO B 21 -18.44 23.52 0.46
CA PRO B 21 -19.63 22.91 1.12
C PRO B 21 -20.02 21.55 0.53
N ARG B 22 -20.28 20.57 1.41
CA ARG B 22 -20.54 19.18 0.97
C ARG B 22 -21.80 19.04 0.12
N LYS B 23 -22.87 19.75 0.49
CA LYS B 23 -24.16 19.79 -0.26
C LYS B 23 -24.11 20.19 -1.73
N ASN B 24 -23.06 20.93 -2.12
CA ASN B 24 -22.80 21.30 -3.51
C ASN B 24 -21.97 20.31 -4.33
N LEU B 25 -21.49 19.25 -3.70
CA LEU B 25 -20.72 18.20 -4.37
C LEU B 25 -21.60 16.95 -4.60
N VAL B 26 -21.75 16.54 -5.87
CA VAL B 26 -22.50 15.35 -6.27
C VAL B 26 -21.51 14.35 -6.89
N LEU B 27 -21.20 13.29 -6.14
CA LEU B 27 -20.23 12.29 -6.58
C LEU B 27 -20.86 11.39 -7.64
N GLY B 28 -20.13 11.19 -8.73
CA GLY B 28 -20.55 10.41 -9.88
C GLY B 28 -19.79 9.11 -9.87
N LYS B 29 -19.46 8.63 -11.08
CA LYS B 29 -18.84 7.31 -11.25
C LYS B 29 -17.39 7.28 -10.77
N THR B 30 -16.94 6.08 -10.42
CA THR B 30 -15.54 5.85 -10.04
C THR B 30 -14.71 5.80 -11.31
N LEU B 31 -13.66 6.61 -11.33
CA LEU B 31 -12.72 6.69 -12.45
C LEU B 31 -11.67 5.60 -12.32
N GLY B 32 -11.23 5.37 -11.08
CA GLY B 32 -10.39 4.21 -10.76
C GLY B 32 -10.07 4.17 -9.29
N GLU B 33 -9.37 3.11 -8.88
CA GLU B 33 -9.13 2.85 -7.44
C GLU B 33 -7.99 1.87 -7.17
N GLY B 34 -7.29 2.11 -6.06
CA GLY B 34 -6.25 1.21 -5.53
C GLY B 34 -6.79 0.42 -4.37
N GLU B 35 -5.88 -0.25 -3.66
CA GLU B 35 -6.20 -1.00 -2.42
C GLU B 35 -6.88 -0.13 -1.34
N PHE B 36 -6.33 1.07 -1.13
CA PHE B 36 -6.65 1.94 0.02
C PHE B 36 -7.32 3.29 -0.31
N GLY B 37 -7.72 3.52 -1.57
CA GLY B 37 -8.40 4.76 -1.96
C GLY B 37 -8.87 4.79 -3.41
N LYS B 38 -9.67 5.80 -3.76
CA LYS B 38 -10.26 5.92 -5.10
C LYS B 38 -10.40 7.34 -5.59
N VAL B 39 -10.64 7.46 -6.89
CA VAL B 39 -10.83 8.75 -7.56
C VAL B 39 -12.17 8.64 -8.25
N VAL B 40 -13.05 9.62 -7.99
CA VAL B 40 -14.38 9.63 -8.58
C VAL B 40 -14.62 10.96 -9.28
N LYS B 41 -15.36 10.91 -10.37
CA LYS B 41 -15.80 12.09 -11.09
C LYS B 41 -16.95 12.68 -10.29
N ALA B 42 -17.06 14.01 -10.29
CA ALA B 42 -18.16 14.70 -9.59
C ALA B 42 -18.53 16.00 -10.25
N THR B 43 -19.71 16.53 -9.88
CA THR B 43 -20.13 17.90 -10.25
C THR B 43 -20.16 18.76 -8.98
N ALA B 44 -19.62 19.98 -9.10
CA ALA B 44 -19.45 20.93 -7.99
C ALA B 44 -20.17 22.21 -8.35
N PHE B 45 -21.24 22.50 -7.61
CA PHE B 45 -22.00 23.74 -7.75
C PHE B 45 -21.25 24.92 -7.10
N HIS B 46 -21.28 26.08 -7.74
CA HIS B 46 -20.58 27.31 -7.28
C HIS B 46 -19.14 27.08 -6.74
N LEU B 47 -18.38 26.35 -7.55
CA LEU B 47 -16.99 26.06 -7.30
C LEU B 47 -16.11 27.30 -7.56
N LYS B 48 -15.62 27.93 -6.51
CA LYS B 48 -14.69 29.08 -6.56
C LYS B 48 -15.27 30.27 -7.36
N GLY B 49 -16.52 30.62 -7.04
CA GLY B 49 -17.26 31.68 -7.72
C GLY B 49 -17.61 31.47 -9.20
N ARG B 50 -17.66 30.21 -9.65
CA ARG B 50 -17.98 29.86 -11.04
C ARG B 50 -19.45 29.49 -11.14
N ALA B 51 -20.12 29.96 -12.21
CA ALA B 51 -21.54 29.72 -12.42
C ALA B 51 -21.84 28.22 -12.66
N GLY B 52 -22.98 27.77 -12.16
CA GLY B 52 -23.49 26.43 -12.44
C GLY B 52 -22.64 25.31 -11.86
N TYR B 53 -22.49 24.23 -12.65
CA TYR B 53 -21.76 23.02 -12.26
C TYR B 53 -20.43 22.93 -12.98
N THR B 54 -19.38 22.62 -12.22
CA THR B 54 -18.06 22.35 -12.76
C THR B 54 -17.74 20.90 -12.48
N THR B 55 -17.36 20.18 -13.53
CA THR B 55 -16.88 18.80 -13.41
C THR B 55 -15.52 18.83 -12.71
N VAL B 56 -15.36 17.93 -11.75
CA VAL B 56 -14.16 17.80 -10.91
C VAL B 56 -13.82 16.33 -10.68
N ALA B 57 -12.63 16.10 -10.15
CA ALA B 57 -12.21 14.79 -9.67
C ALA B 57 -12.08 14.83 -8.15
N VAL B 58 -12.57 13.80 -7.48
CA VAL B 58 -12.55 13.75 -6.02
C VAL B 58 -11.74 12.54 -5.58
N LYS B 59 -10.71 12.79 -4.76
CA LYS B 59 -9.89 11.76 -4.13
C LYS B 59 -10.40 11.53 -2.73
N MET B 60 -10.76 10.29 -2.42
CA MET B 60 -11.20 9.87 -1.08
C MET B 60 -10.50 8.57 -0.69
N LEU B 61 -10.36 8.36 0.61
CA LEU B 61 -9.80 7.12 1.14
C LEU B 61 -10.87 6.03 1.23
N LYS B 62 -10.42 4.78 1.21
CA LYS B 62 -11.24 3.64 1.59
C LYS B 62 -11.06 3.35 3.08
N GLU B 63 -11.99 2.57 3.61
CA GLU B 63 -12.11 2.38 5.06
C GLU B 63 -11.05 1.47 5.73
N ASN B 64 -10.20 0.77 4.94
CA ASN B 64 -8.97 0.16 5.49
C ASN B 64 -7.70 1.04 5.25
N ALA B 65 -7.87 2.36 5.05
CA ALA B 65 -6.75 3.29 4.93
C ALA B 65 -5.84 3.26 6.16
N SER B 66 -4.54 3.27 5.91
CA SER B 66 -3.52 3.36 6.94
C SER B 66 -3.29 4.85 7.30
N PRO B 67 -2.55 5.13 8.40
CA PRO B 67 -1.99 6.47 8.67
C PRO B 67 -1.11 7.04 7.55
N SER B 68 -0.32 6.16 6.92
CA SER B 68 0.51 6.52 5.75
C SER B 68 -0.32 7.13 4.61
N GLU B 69 -1.43 6.47 4.27
CA GLU B 69 -2.40 6.94 3.25
C GLU B 69 -3.06 8.27 3.59
N LEU B 70 -3.51 8.38 4.84
CA LEU B 70 -4.15 9.58 5.35
C LEU B 70 -3.18 10.77 5.36
N ARG B 71 -1.95 10.55 5.84
CA ARG B 71 -0.87 11.57 5.78
C ARG B 71 -0.60 12.04 4.35
N ASP B 72 -0.42 11.10 3.42
CA ASP B 72 -0.24 11.40 1.98
C ASP B 72 -1.33 12.28 1.36
N LEU B 73 -2.59 12.03 1.72
CA LEU B 73 -3.72 12.80 1.21
C LEU B 73 -3.72 14.24 1.76
N LEU B 74 -3.50 14.37 3.07
CA LEU B 74 -3.33 15.69 3.72
C LEU B 74 -2.07 16.42 3.23
N SER B 75 -0.99 15.68 3.03
CA SER B 75 0.24 16.23 2.47
C SER B 75 0.06 16.77 1.04
N GLU B 76 -0.74 16.07 0.22
CA GLU B 76 -1.09 16.52 -1.14
C GLU B 76 -1.87 17.83 -1.10
N PHE B 77 -2.90 17.89 -0.25
CA PHE B 77 -3.67 19.10 0.02
C PHE B 77 -2.77 20.28 0.41
N ASN B 78 -1.82 20.03 1.32
CA ASN B 78 -0.85 21.04 1.79
C ASN B 78 0.03 21.61 0.65
N VAL B 79 0.55 20.72 -0.19
CA VAL B 79 1.38 21.07 -1.35
C VAL B 79 0.59 21.83 -2.45
N LEU B 80 -0.62 21.36 -2.78
CA LEU B 80 -1.39 21.90 -3.91
C LEU B 80 -2.02 23.29 -3.66
N LYS B 81 -2.15 23.68 -2.39
CA LYS B 81 -2.49 25.05 -2.02
C LYS B 81 -1.43 26.07 -2.40
N GLN B 82 -0.15 25.69 -2.32
CA GLN B 82 1.01 26.56 -2.61
C GLN B 82 1.40 26.71 -4.08
N VAL B 83 0.80 25.92 -4.99
CA VAL B 83 1.23 25.84 -6.40
C VAL B 83 0.07 26.17 -7.33
N ASN B 84 0.39 26.90 -8.41
CA ASN B 84 -0.53 27.18 -9.51
C ASN B 84 0.26 27.24 -10.81
N HIS B 85 0.05 26.27 -11.69
CA HIS B 85 0.71 26.22 -13.00
C HIS B 85 -0.20 25.47 -13.98
N PRO B 86 -0.32 25.92 -15.26
CA PRO B 86 -1.18 25.19 -16.20
C PRO B 86 -0.90 23.67 -16.39
N HIS B 87 0.36 23.25 -16.23
CA HIS B 87 0.78 21.81 -16.23
C HIS B 87 1.00 21.11 -14.88
N VAL B 88 0.49 21.68 -13.79
CA VAL B 88 0.32 21.00 -12.51
C VAL B 88 -1.20 20.93 -12.27
N ILE B 89 -1.67 19.80 -11.75
CA ILE B 89 -3.09 19.60 -11.46
C ILE B 89 -3.59 20.61 -10.38
N LYS B 90 -4.66 21.33 -10.69
CA LYS B 90 -5.19 22.37 -9.80
C LYS B 90 -6.06 21.80 -8.67
N LEU B 91 -5.84 22.32 -7.46
CA LEU B 91 -6.69 22.07 -6.29
C LEU B 91 -7.77 23.14 -6.25
N TYR B 92 -9.02 22.72 -6.03
CA TYR B 92 -10.13 23.67 -5.76
C TYR B 92 -10.52 23.75 -4.28
N GLY B 93 -10.37 22.64 -3.56
CA GLY B 93 -10.60 22.62 -2.14
C GLY B 93 -10.80 21.22 -1.57
N ALA B 94 -11.45 21.19 -0.41
CA ALA B 94 -11.71 19.97 0.32
C ALA B 94 -12.98 20.06 1.13
N CYS B 95 -13.65 18.92 1.29
CA CYS B 95 -14.75 18.74 2.24
C CYS B 95 -14.15 18.07 3.47
N SER B 96 -14.22 18.74 4.62
CA SER B 96 -13.61 18.32 5.88
C SER B 96 -14.57 18.23 7.09
N GLN B 97 -15.84 18.60 6.91
CA GLN B 97 -16.82 18.78 8.00
C GLN B 97 -18.03 17.82 7.96
N ASP B 98 -18.18 17.03 6.91
CA ASP B 98 -19.41 16.29 6.61
C ASP B 98 -19.03 14.93 6.06
N GLY B 99 -18.71 14.00 6.97
CA GLY B 99 -18.37 12.64 6.59
C GLY B 99 -16.90 12.51 6.27
N PRO B 100 -16.53 11.70 5.24
CA PRO B 100 -15.10 11.48 4.98
C PRO B 100 -14.39 12.64 4.27
N LEU B 101 -13.08 12.71 4.49
CA LEU B 101 -12.16 13.64 3.83
C LEU B 101 -12.17 13.52 2.30
N LEU B 102 -12.77 14.51 1.62
CA LEU B 102 -12.79 14.59 0.16
C LEU B 102 -11.84 15.68 -0.29
N LEU B 103 -10.92 15.30 -1.19
CA LEU B 103 -10.01 16.24 -1.83
C LEU B 103 -10.55 16.50 -3.23
N ILE B 104 -10.86 17.77 -3.56
CA ILE B 104 -11.47 18.17 -4.84
C ILE B 104 -10.39 18.79 -5.74
N VAL B 105 -10.12 18.15 -6.88
CA VAL B 105 -9.09 18.58 -7.85
C VAL B 105 -9.64 18.71 -9.27
N GLU B 106 -8.81 19.30 -10.12
CA GLU B 106 -9.08 19.47 -11.54
C GLU B 106 -9.41 18.14 -12.22
N TYR B 107 -10.39 18.17 -13.12
CA TYR B 107 -10.78 17.01 -13.93
C TYR B 107 -10.07 17.06 -15.29
N ALA B 108 -9.30 16.00 -15.59
CA ALA B 108 -8.62 15.81 -16.87
C ALA B 108 -9.26 14.62 -17.58
N LYS B 109 -9.90 14.86 -18.74
CA LYS B 109 -10.82 13.88 -19.33
C LYS B 109 -10.25 12.53 -19.83
N TYR B 110 -8.96 12.48 -20.19
CA TYR B 110 -8.34 11.29 -20.81
C TYR B 110 -7.59 10.33 -19.85
N GLY B 111 -7.60 10.61 -18.54
CA GLY B 111 -7.01 9.73 -17.53
C GLY B 111 -5.52 9.90 -17.43
N SER B 112 -4.83 8.82 -17.03
CA SER B 112 -3.36 8.85 -16.91
C SER B 112 -2.70 8.89 -18.29
N LEU B 113 -1.49 9.47 -18.34
CA LEU B 113 -0.66 9.47 -19.54
C LEU B 113 -0.31 8.05 -20.00
N ARG B 114 0.06 7.17 -19.07
CA ARG B 114 0.38 5.76 -19.37
C ARG B 114 -0.77 5.07 -20.10
N GLY B 115 -1.97 5.16 -19.51
CA GLY B 115 -3.21 4.66 -20.11
C GLY B 115 -3.63 5.29 -21.44
N PHE B 116 -3.38 6.59 -21.59
CA PHE B 116 -3.58 7.31 -22.86
C PHE B 116 -2.70 6.77 -24.00
N LEU B 117 -1.42 6.58 -23.70
CA LEU B 117 -0.43 6.08 -24.68
C LEU B 117 -0.62 4.61 -25.08
N ARG B 118 -0.95 3.76 -24.10
CA ARG B 118 -1.26 2.34 -24.35
C ARG B 118 -2.47 2.08 -25.26
N GLU B 119 -3.43 3.01 -25.27
CA GLU B 119 -4.54 3.01 -26.24
C GLU B 119 -4.04 3.27 -27.68
N SER B 120 -3.14 4.24 -27.82
CA SER B 120 -2.56 4.65 -29.13
C SER B 120 -1.80 3.55 -29.87
N LEU B 147 -0.92 9.21 -32.74
CA LEU B 147 0.07 10.14 -32.20
C LEU B 147 1.37 10.18 -32.98
N THR B 148 1.84 11.39 -33.29
CA THR B 148 3.13 11.62 -33.96
C THR B 148 4.23 11.80 -32.92
N MET B 149 5.48 11.77 -33.40
CA MET B 149 6.66 12.08 -32.57
C MET B 149 6.63 13.53 -32.05
N GLY B 150 6.10 14.46 -32.85
CA GLY B 150 5.83 15.84 -32.41
C GLY B 150 4.88 16.01 -31.23
N ASP B 151 3.86 15.15 -31.16
CA ASP B 151 2.90 15.12 -30.04
C ASP B 151 3.59 14.62 -28.77
N LEU B 152 4.33 13.52 -28.88
CA LEU B 152 5.12 12.94 -27.78
C LEU B 152 6.17 13.91 -27.19
N ILE B 153 6.88 14.62 -28.06
CA ILE B 153 7.84 15.68 -27.66
C ILE B 153 7.13 16.87 -26.99
N SER B 154 5.94 17.24 -27.50
CA SER B 154 5.09 18.26 -26.86
C SER B 154 4.67 17.90 -25.43
N PHE B 155 4.43 16.61 -25.17
CA PHE B 155 4.02 16.14 -23.84
C PHE B 155 5.16 16.24 -22.83
N ALA B 156 6.32 15.69 -23.20
CA ALA B 156 7.56 15.80 -22.42
C ALA B 156 7.97 17.23 -22.08
N TRP B 157 7.77 18.15 -23.02
CA TRP B 157 8.03 19.58 -22.81
C TRP B 157 7.13 20.21 -21.73
N GLN B 158 5.83 19.91 -21.80
CA GLN B 158 4.82 20.41 -20.82
C GLN B 158 5.12 19.99 -19.39
N ILE B 159 5.40 18.71 -19.22
CA ILE B 159 5.82 18.13 -17.93
C ILE B 159 7.10 18.83 -17.44
N SER B 160 8.12 18.88 -18.31
CA SER B 160 9.38 19.60 -18.02
C SER B 160 9.16 21.06 -17.60
N GLN B 161 8.19 21.75 -18.23
CA GLN B 161 7.81 23.12 -17.81
C GLN B 161 7.27 23.16 -16.40
N GLY B 162 6.25 22.34 -16.10
CA GLY B 162 5.71 22.20 -14.74
C GLY B 162 6.72 21.79 -13.67
N MET B 163 7.64 20.89 -14.02
CA MET B 163 8.79 20.53 -13.13
C MET B 163 9.81 21.66 -12.92
N GLN B 164 10.05 22.45 -13.97
CA GLN B 164 10.87 23.66 -13.83
C GLN B 164 10.22 24.65 -12.83
N TYR B 165 8.89 24.77 -12.90
CA TYR B 165 8.13 25.56 -11.93
C TYR B 165 8.22 24.97 -10.51
N LEU B 166 8.06 23.66 -10.37
CA LEU B 166 8.10 22.99 -9.06
C LEU B 166 9.49 23.07 -8.42
N ALA B 167 10.51 22.75 -9.20
CA ALA B 167 11.93 22.97 -8.81
C ALA B 167 12.27 24.41 -8.35
N GLU B 168 11.70 25.40 -9.04
CA GLU B 168 11.77 26.83 -8.62
C GLU B 168 11.07 27.12 -7.28
N MET B 169 9.93 26.46 -7.05
CA MET B 169 9.20 26.51 -5.75
C MET B 169 9.80 25.63 -4.62
N LYS B 170 10.98 25.05 -4.84
CA LYS B 170 11.70 24.22 -3.87
C LYS B 170 10.99 22.87 -3.55
N LEU B 171 10.14 22.39 -4.48
CA LEU B 171 9.31 21.18 -4.32
C LEU B 171 9.89 20.01 -5.13
N VAL B 172 10.34 18.97 -4.43
CA VAL B 172 10.79 17.71 -5.02
C VAL B 172 9.56 16.82 -5.12
N HIS B 173 9.23 16.36 -6.34
CA HIS B 173 8.01 15.58 -6.56
C HIS B 173 8.10 14.13 -6.06
N ARG B 174 9.21 13.46 -6.38
CA ARG B 174 9.62 12.11 -5.90
C ARG B 174 9.05 10.92 -6.71
N ASP B 175 7.77 11.01 -7.08
CA ASP B 175 7.06 9.97 -7.83
C ASP B 175 6.69 10.35 -9.29
N LEU B 176 7.66 10.91 -10.03
CA LEU B 176 7.46 11.22 -11.47
C LEU B 176 7.41 9.93 -12.28
N ALA B 177 6.33 9.77 -13.03
CA ALA B 177 6.04 8.54 -13.78
C ALA B 177 4.79 8.79 -14.62
N ALA B 178 4.65 8.04 -15.71
CA ALA B 178 3.52 8.20 -16.64
C ALA B 178 2.14 7.92 -16.00
N ARG B 179 2.08 7.03 -15.01
CA ARG B 179 0.87 6.83 -14.19
C ARG B 179 0.46 8.02 -13.30
N ASN B 180 1.42 8.88 -12.97
CA ASN B 180 1.22 10.08 -12.16
C ASN B 180 1.11 11.40 -12.97
N ILE B 181 0.91 11.30 -14.29
CA ILE B 181 0.61 12.43 -15.17
C ILE B 181 -0.80 12.23 -15.68
N LEU B 182 -1.58 13.30 -15.73
CA LEU B 182 -2.94 13.29 -16.29
C LEU B 182 -2.96 14.06 -17.60
N VAL B 183 -3.92 13.68 -18.45
CA VAL B 183 -4.05 14.20 -19.81
C VAL B 183 -5.41 14.90 -19.89
N ALA B 184 -5.39 16.23 -19.91
CA ALA B 184 -6.61 17.05 -19.91
C ALA B 184 -7.08 17.36 -21.34
N GLU B 185 -8.19 18.09 -21.45
CA GLU B 185 -8.75 18.58 -22.73
C GLU B 185 -7.72 19.40 -23.53
N GLY B 186 -7.70 19.19 -24.85
CA GLY B 186 -6.63 19.69 -25.71
C GLY B 186 -5.30 18.95 -25.58
N ARG B 187 -5.32 17.75 -24.98
CA ARG B 187 -4.12 16.97 -24.63
C ARG B 187 -3.04 17.74 -23.84
N LYS B 188 -3.46 18.50 -22.82
CA LYS B 188 -2.53 19.23 -21.96
C LYS B 188 -2.11 18.37 -20.76
N MET B 189 -0.80 18.25 -20.54
CA MET B 189 -0.25 17.40 -19.47
C MET B 189 -0.43 18.08 -18.13
N LYS B 190 -0.92 17.33 -17.15
CA LYS B 190 -1.04 17.78 -15.77
C LYS B 190 -0.21 16.85 -14.86
N ILE B 191 0.79 17.41 -14.17
CA ILE B 191 1.54 16.68 -13.13
C ILE B 191 0.57 16.50 -11.95
N SER B 192 0.55 15.27 -11.40
CA SER B 192 -0.40 14.88 -10.35
C SER B 192 0.28 13.98 -9.29
N ASP B 193 -0.52 13.46 -8.36
CA ASP B 193 -0.07 12.52 -7.32
C ASP B 193 1.07 13.12 -6.48
N PHE B 194 0.71 14.17 -5.76
CA PHE B 194 1.61 14.94 -4.88
C PHE B 194 1.70 14.46 -3.43
N GLY B 195 1.10 13.31 -3.12
CA GLY B 195 1.16 12.72 -1.78
C GLY B 195 2.53 12.36 -1.23
N LEU B 196 3.49 12.06 -2.11
CA LEU B 196 4.89 11.76 -1.71
C LEU B 196 5.90 12.92 -1.90
N SER B 197 5.43 14.11 -2.29
CA SER B 197 6.32 15.25 -2.55
C SER B 197 6.75 15.95 -1.27
N ARG B 198 8.00 16.41 -1.25
CA ARG B 198 8.65 17.04 -0.09
C ARG B 198 9.34 18.31 -0.55
N ASP B 199 9.22 19.40 0.22
CA ASP B 199 9.92 20.66 -0.09
C ASP B 199 11.28 20.79 0.62
N VAL B 200 12.07 21.78 0.20
CA VAL B 200 13.38 22.09 0.81
C VAL B 200 13.82 23.52 0.45
N GLN B 211 10.03 3.32 5.25
CA GLN B 211 10.96 4.02 4.36
C GLN B 211 10.33 4.23 2.94
N GLY B 212 11.07 3.99 1.85
CA GLY B 212 10.71 4.48 0.52
C GLY B 212 9.60 3.71 -0.20
N ARG B 213 8.58 4.43 -0.66
CA ARG B 213 7.40 3.87 -1.35
C ARG B 213 7.26 4.25 -2.85
N ILE B 214 8.32 4.81 -3.43
CA ILE B 214 8.39 5.04 -4.88
C ILE B 214 8.89 3.73 -5.49
N PRO B 215 8.28 3.28 -6.61
CA PRO B 215 8.79 2.06 -7.29
C PRO B 215 10.27 2.16 -7.71
N VAL B 216 11.01 1.07 -7.44
CA VAL B 216 12.47 0.96 -7.67
C VAL B 216 12.88 1.34 -9.10
N LYS B 217 12.11 0.91 -10.08
CA LYS B 217 12.41 1.18 -11.50
C LYS B 217 12.35 2.66 -11.94
N TRP B 218 11.78 3.55 -11.13
CA TRP B 218 11.78 5.00 -11.39
C TRP B 218 12.74 5.83 -10.54
N MET B 219 13.34 5.22 -9.50
CA MET B 219 14.14 5.95 -8.52
C MET B 219 15.53 6.20 -9.05
N ALA B 220 16.11 7.35 -8.68
CA ALA B 220 17.53 7.61 -8.91
C ALA B 220 18.44 6.70 -8.08
N ILE B 221 19.67 6.56 -8.54
CA ILE B 221 20.65 5.67 -7.91
C ILE B 221 21.04 6.12 -6.49
N GLU B 222 21.21 7.42 -6.27
CA GLU B 222 21.41 7.96 -4.91
C GLU B 222 20.19 7.77 -3.99
N SER B 223 18.98 7.79 -4.56
CA SER B 223 17.75 7.44 -3.82
C SER B 223 17.76 5.96 -3.40
N LEU B 224 18.12 5.07 -4.34
CA LEU B 224 18.24 3.64 -4.06
C LEU B 224 19.23 3.27 -2.95
N PHE B 225 20.45 3.82 -3.05
CA PHE B 225 21.55 3.51 -2.15
C PHE B 225 21.70 4.41 -0.90
N ASP B 226 21.30 5.69 -0.98
CA ASP B 226 21.41 6.65 0.16
C ASP B 226 20.10 7.26 0.66
N HIS B 227 18.96 6.93 0.06
CA HIS B 227 17.63 7.51 0.40
C HIS B 227 17.54 9.04 0.24
N ILE B 228 18.35 9.60 -0.68
CA ILE B 228 18.44 11.04 -0.95
C ILE B 228 17.47 11.33 -2.09
N TYR B 229 16.65 12.37 -1.90
CA TYR B 229 15.73 12.88 -2.93
C TYR B 229 15.93 14.37 -3.13
N THR B 230 16.32 14.76 -4.35
CA THR B 230 16.49 16.17 -4.76
C THR B 230 15.80 16.40 -6.10
N THR B 231 15.89 17.63 -6.62
CA THR B 231 15.46 17.94 -8.01
C THR B 231 16.20 17.08 -9.03
N GLN B 232 17.47 16.78 -8.76
CA GLN B 232 18.27 15.97 -9.67
C GLN B 232 17.87 14.47 -9.67
N SER B 233 17.23 13.97 -8.60
CA SER B 233 16.57 12.63 -8.65
C SER B 233 15.19 12.64 -9.33
N ASP B 234 14.49 13.77 -9.32
CA ASP B 234 13.33 13.97 -10.21
C ASP B 234 13.69 13.94 -11.70
N VAL B 235 14.83 14.56 -12.04
CA VAL B 235 15.42 14.50 -13.38
C VAL B 235 15.61 13.05 -13.86
N TRP B 236 16.26 12.23 -13.02
CA TRP B 236 16.38 10.78 -13.28
C TRP B 236 15.03 10.16 -13.60
N SER B 237 14.04 10.42 -12.73
CA SER B 237 12.69 9.89 -12.91
C SER B 237 12.02 10.41 -14.19
N PHE B 238 12.26 11.68 -14.52
CA PHE B 238 11.78 12.27 -15.78
C PHE B 238 12.36 11.54 -16.99
N GLY B 239 13.66 11.22 -16.95
CA GLY B 239 14.31 10.37 -17.96
C GLY B 239 13.61 9.02 -18.18
N VAL B 240 13.13 8.40 -17.11
CA VAL B 240 12.35 7.15 -17.17
C VAL B 240 10.97 7.44 -17.76
N LEU B 241 10.33 8.51 -17.30
CA LEU B 241 9.08 9.03 -17.91
C LEU B 241 9.20 9.32 -19.42
N LEU B 242 10.35 9.87 -19.82
CA LEU B 242 10.66 10.15 -21.21
C LEU B 242 10.76 8.87 -22.04
N TRP B 243 11.41 7.84 -21.46
CA TRP B 243 11.41 6.48 -22.00
C TRP B 243 10.00 5.91 -22.14
N GLU B 244 9.14 6.11 -21.14
CA GLU B 244 7.73 5.67 -21.21
C GLU B 244 6.94 6.32 -22.33
N ILE B 245 7.19 7.61 -22.58
CA ILE B 245 6.49 8.35 -23.64
C ILE B 245 6.82 7.74 -25.01
N VAL B 246 8.11 7.61 -25.34
CA VAL B 246 8.55 7.11 -26.66
C VAL B 246 8.20 5.64 -26.95
N THR B 247 8.07 4.83 -25.89
CA THR B 247 7.59 3.44 -25.99
C THR B 247 6.06 3.26 -25.95
N LEU B 248 5.33 4.37 -25.86
CA LEU B 248 3.85 4.38 -25.78
C LEU B 248 3.31 3.62 -24.57
N GLY B 249 3.88 3.96 -23.41
CA GLY B 249 3.53 3.36 -22.14
C GLY B 249 4.15 1.99 -21.96
N GLY B 250 5.45 1.88 -22.21
CA GLY B 250 6.21 0.65 -21.96
C GLY B 250 6.48 0.44 -20.48
N ASN B 251 6.84 -0.81 -20.13
CA ASN B 251 7.23 -1.18 -18.77
C ASN B 251 8.74 -1.07 -18.72
N PRO B 252 9.30 -0.13 -17.91
CA PRO B 252 10.78 0.03 -17.91
C PRO B 252 11.52 -1.20 -17.41
N TYR B 253 12.76 -1.37 -17.89
CA TYR B 253 13.62 -2.54 -17.59
C TYR B 253 12.87 -3.88 -17.75
N PRO B 254 12.23 -4.11 -18.91
CA PRO B 254 11.28 -5.24 -19.09
C PRO B 254 11.95 -6.60 -18.89
N GLY B 255 11.33 -7.45 -18.07
CA GLY B 255 11.92 -8.73 -17.67
C GLY B 255 13.17 -8.69 -16.79
N ILE B 256 13.44 -7.55 -16.12
CA ILE B 256 14.46 -7.45 -15.08
C ILE B 256 13.66 -7.20 -13.79
N PRO B 257 13.82 -8.06 -12.75
CA PRO B 257 13.08 -7.83 -11.51
C PRO B 257 13.68 -6.65 -10.70
N PRO B 258 12.84 -5.87 -9.99
CA PRO B 258 13.31 -4.65 -9.28
C PRO B 258 14.46 -4.89 -8.28
N GLU B 259 14.39 -6.02 -7.57
CA GLU B 259 15.49 -6.54 -6.72
C GLU B 259 16.89 -6.64 -7.37
N ARG B 260 16.96 -6.97 -8.66
CA ARG B 260 18.27 -7.04 -9.39
C ARG B 260 18.75 -5.72 -10.04
N LEU B 261 17.90 -4.70 -10.09
CA LEU B 261 18.23 -3.41 -10.70
C LEU B 261 19.31 -2.61 -9.96
N PHE B 262 19.34 -2.76 -8.63
CA PHE B 262 20.31 -2.10 -7.73
C PHE B 262 21.73 -2.23 -8.28
N ASN B 263 22.16 -3.48 -8.47
CA ASN B 263 23.52 -3.81 -8.93
C ASN B 263 23.76 -3.58 -10.42
N LEU B 264 22.72 -3.69 -11.25
CA LEU B 264 22.83 -3.32 -12.68
C LEU B 264 23.09 -1.83 -12.91
N LEU B 265 22.38 -0.98 -12.17
CA LEU B 265 22.59 0.48 -12.21
C LEU B 265 23.94 0.92 -11.60
N LYS B 266 24.35 0.27 -10.51
CA LYS B 266 25.62 0.58 -9.83
C LYS B 266 26.83 0.30 -10.73
N THR B 267 26.85 -0.89 -11.37
CA THR B 267 27.92 -1.27 -12.31
C THR B 267 28.06 -0.38 -13.56
N GLY B 268 26.96 0.26 -13.99
CA GLY B 268 26.95 1.18 -15.14
C GLY B 268 25.86 1.01 -16.18
N HIS B 269 25.09 -0.09 -16.12
CA HIS B 269 24.08 -0.43 -17.14
C HIS B 269 22.87 0.52 -17.05
N ARG B 270 22.27 0.76 -18.22
CA ARG B 270 21.06 1.57 -18.36
C ARG B 270 20.20 0.90 -19.41
N MET B 271 18.97 1.39 -19.56
CA MET B 271 18.10 0.92 -20.64
C MET B 271 18.68 1.32 -22.00
N GLU B 272 18.71 0.37 -22.94
CA GLU B 272 19.15 0.63 -24.31
C GLU B 272 18.16 1.54 -25.05
N ARG B 273 18.57 1.99 -26.23
CA ARG B 273 17.75 2.87 -27.06
C ARG B 273 16.50 2.14 -27.58
N PRO B 274 15.29 2.61 -27.21
CA PRO B 274 14.07 1.92 -27.67
C PRO B 274 13.74 2.23 -29.13
N ASP B 275 12.86 1.43 -29.70
CA ASP B 275 12.42 1.62 -31.10
C ASP B 275 11.50 2.84 -31.21
N ASN B 276 11.50 3.46 -32.40
CA ASN B 276 10.82 4.75 -32.65
C ASN B 276 11.31 5.91 -31.74
N CYS B 277 12.63 5.93 -31.49
CA CYS B 277 13.28 6.97 -30.66
C CYS B 277 14.53 7.45 -31.38
N SER B 278 14.69 8.77 -31.49
CA SER B 278 15.86 9.37 -32.13
C SER B 278 17.11 9.28 -31.25
N GLU B 279 18.26 9.42 -31.91
CA GLU B 279 19.59 9.63 -31.29
C GLU B 279 19.61 10.79 -30.28
N GLU B 280 19.04 11.93 -30.71
CA GLU B 280 18.88 13.15 -29.88
C GLU B 280 18.08 12.95 -28.59
N MET B 281 16.97 12.21 -28.69
CA MET B 281 16.11 11.91 -27.54
C MET B 281 16.77 10.91 -26.57
N TYR B 282 17.39 9.86 -27.12
CA TYR B 282 18.08 8.86 -26.29
C TYR B 282 19.26 9.45 -25.51
N ARG B 283 20.03 10.34 -26.15
CA ARG B 283 21.10 11.12 -25.50
C ARG B 283 20.58 11.91 -24.29
N LEU B 284 19.42 12.55 -24.45
CA LEU B 284 18.73 13.24 -23.35
C LEU B 284 18.27 12.32 -22.21
N MET B 285 17.84 11.10 -22.53
CA MET B 285 17.52 10.08 -21.50
C MET B 285 18.76 9.68 -20.72
N LEU B 286 19.80 9.29 -21.45
CA LEU B 286 21.10 8.87 -20.86
C LEU B 286 21.73 9.89 -19.91
N GLN B 287 21.53 11.17 -20.19
CA GLN B 287 22.05 12.24 -19.35
C GLN B 287 21.24 12.42 -18.05
N CYS B 288 19.92 12.25 -18.13
CA CYS B 288 19.08 12.15 -16.94
C CYS B 288 19.49 11.00 -16.01
N TRP B 289 20.04 9.91 -16.57
CA TRP B 289 20.53 8.76 -15.80
C TRP B 289 22.03 8.71 -15.49
N LYS B 290 22.72 9.86 -15.56
CA LYS B 290 24.10 9.94 -15.07
C LYS B 290 24.15 9.65 -13.57
N GLN B 291 25.17 8.92 -13.13
CA GLN B 291 25.31 8.50 -11.73
C GLN B 291 25.42 9.69 -10.79
N GLU B 292 26.37 10.58 -11.08
CA GLU B 292 26.58 11.81 -10.33
C GLU B 292 25.41 12.81 -10.61
N PRO B 293 24.65 13.25 -9.57
CA PRO B 293 23.54 14.20 -9.79
C PRO B 293 23.87 15.57 -10.41
N ASP B 294 25.09 16.07 -10.20
CA ASP B 294 25.57 17.30 -10.83
C ASP B 294 25.71 17.20 -12.35
N LYS B 295 26.10 16.02 -12.86
CA LYS B 295 26.25 15.80 -14.31
C LYS B 295 24.93 15.67 -15.09
N ARG B 296 23.81 15.45 -14.39
CA ARG B 296 22.48 15.43 -15.01
C ARG B 296 22.03 16.84 -15.38
N PRO B 297 21.19 17.00 -16.42
CA PRO B 297 20.70 18.34 -16.79
C PRO B 297 19.62 18.82 -15.81
N VAL B 298 19.54 20.13 -15.61
CA VAL B 298 18.40 20.73 -14.88
C VAL B 298 17.19 20.79 -15.82
N PHE B 299 16.02 21.07 -15.25
CA PHE B 299 14.76 21.06 -16.03
C PHE B 299 14.66 22.17 -17.10
N ALA B 300 15.33 23.31 -16.89
CA ALA B 300 15.50 24.35 -17.94
C ALA B 300 16.25 23.86 -19.18
N ASP B 301 17.32 23.09 -18.95
CA ASP B 301 18.11 22.46 -20.04
C ASP B 301 17.27 21.44 -20.82
N ILE B 302 16.47 20.65 -20.09
CA ILE B 302 15.59 19.61 -20.67
C ILE B 302 14.58 20.25 -21.60
N SER B 303 13.81 21.19 -21.04
CA SER B 303 12.86 22.05 -21.79
C SER B 303 13.51 22.75 -22.99
N LYS B 304 14.70 23.32 -22.77
CA LYS B 304 15.47 23.94 -23.86
C LYS B 304 15.82 22.93 -24.97
N ASP B 305 16.26 21.73 -24.60
CA ASP B 305 16.48 20.62 -25.55
C ASP B 305 15.22 20.24 -26.33
N LEU B 306 14.09 20.17 -25.63
CA LEU B 306 12.79 19.82 -26.25
C LEU B 306 12.21 20.94 -27.12
N GLU B 307 12.37 22.19 -26.69
CA GLU B 307 12.11 23.39 -27.54
C GLU B 307 12.92 23.38 -28.84
N LYS B 308 14.18 22.97 -28.76
CA LYS B 308 15.08 22.90 -29.92
C LYS B 308 14.71 21.73 -30.86
N MET B 309 14.19 20.62 -30.33
CA MET B 309 13.67 19.54 -31.17
C MET B 309 12.44 19.97 -31.99
N MET B 310 11.44 20.58 -31.34
CA MET B 310 10.17 20.97 -32.01
C MET B 310 10.30 22.07 -33.08
N VAL B 311 11.15 23.07 -32.83
CA VAL B 311 11.49 24.10 -33.83
C VAL B 311 12.21 23.54 -35.07
N LYS B 312 12.94 22.42 -34.90
CA LYS B 312 13.56 21.65 -36.01
C LYS B 312 12.66 20.50 -36.51
N ARG B 313 11.39 20.81 -36.81
CA ARG B 313 10.44 19.86 -37.44
C ARG B 313 9.51 20.58 -38.43
CAA Q4J C . -1.97 -18.43 0.72
CBA Q4J C . -4.39 -8.57 -0.48
CAB Q4J C . -0.74 -18.50 1.26
CBB Q4J C . -1.35 -8.22 -0.94
CBC Q4J C . 0.05 -8.16 -1.02
CBD Q4J C . 0.76 -9.23 -1.57
CBM Q4J C . 0.19 -17.35 1.46
NAC Q4J C . -0.52 -19.78 1.62
NAD Q4J C . -1.66 -20.51 1.26
CAE Q4J C . -2.55 -19.72 0.71
NAF Q4J C . -3.79 -20.21 0.25
C6 Q4J C . -4.82 -19.47 -0.34
N1 Q4J C . -4.72 -18.16 -0.55
C5 Q4J C . -6.03 -20.09 -0.76
C4 Q4J C . -7.02 -19.32 -1.35
CAM Q4J C . -8.31 -19.98 -1.78
N3 Q4J C . -6.82 -18.01 -1.51
C2 Q4J C . -5.68 -17.42 -1.11
CAN Q4J C . -5.48 -15.94 -1.31
CAN Q4J C . -5.47 -15.93 -1.30
CAS Q4J C . -4.08 -15.43 -0.95
CAS Q4J C . -4.10 -15.43 -0.82
CAR Q4J C . -4.00 -13.96 -1.35
CAR Q4J C . -3.94 -13.95 -1.16
CAO Q4J C . -6.45 -15.17 -0.42
CAO Q4J C . -6.53 -15.15 -0.53
CAP Q4J C . -6.43 -13.68 -0.76
CAP Q4J C . -6.45 -13.70 -0.98
CAQ Q4J C . -5.02 -13.09 -0.61
CAQ Q4J C . -5.08 -13.08 -0.62
OAU Q4J C . -4.62 -13.09 0.76
OAU Q4J C . -5.05 -13.00 0.82
CAV Q4J C . -5.52 -12.56 1.71
CAV Q4J C . -3.94 -13.59 1.50
CAT Q4J C . -4.91 -11.69 -1.19
OAX Q4J C . -5.73 -11.22 -1.96
NAW Q4J C . -3.82 -10.92 -0.84
CAY Q4J C . -3.56 -9.55 -1.35
CAZ Q4J C . -2.03 -9.35 -1.40
CBF Q4J C . -1.24 -10.38 -1.95
NBE Q4J C . 0.09 -10.30 -2.02
NBG Q4J C . 2.17 -9.18 -1.65
NBH Q4J C . 2.99 -8.09 -1.35
CBI Q4J C . 4.24 -8.44 -1.52
CBJ Q4J C . 4.25 -9.78 -1.92
FBL Q4J C . 5.34 -10.50 -2.20
CBK Q4J C . 2.98 -10.23 -1.99
CAA Q4J D . -8.23 12.28 -12.31
CBA Q4J D . -4.30 3.26 -9.17
CAB Q4J D . -7.89 13.28 -11.47
CBB Q4J D . -4.67 4.59 -6.34
CBC Q4J D . -4.83 5.30 -5.14
CBD Q4J D . -5.91 6.19 -5.00
CBM Q4J D . -7.17 13.16 -10.15
NAC Q4J D . -8.28 14.44 -12.03
NAD Q4J D . -8.90 14.14 -13.24
CAE Q4J D . -8.88 12.84 -13.43
NAF Q4J D . -9.44 12.27 -14.60
C6 Q4J D . -9.50 10.92 -14.96
N1 Q4J D . -9.01 9.96 -14.19
C5 Q4J D . -10.11 10.52 -16.18
C4 Q4J D . -10.16 9.16 -16.50
CAM Q4J D . -10.79 8.70 -17.79
N3 Q4J D . -9.62 8.27 -15.65
C2 Q4J D . -9.06 8.67 -14.52
CAN Q4J D . -8.48 7.63 -13.59
CAS Q4J D . -8.14 8.18 -12.19
CAR Q4J D . -7.69 7.03 -11.29
CAO Q4J D . -7.20 7.04 -14.19
CAP Q4J D . -6.78 5.83 -13.32
CAQ Q4J D . -6.50 6.25 -11.85
OAU Q4J D . -5.40 7.16 -11.75
CAV Q4J D . -4.06 6.78 -12.12
CAT Q4J D . -6.39 5.05 -10.92
OAX Q4J D . -6.94 4.00 -11.19
NAW Q4J D . -5.68 5.18 -9.77
CAY Q4J D . -5.54 4.09 -8.77
CAZ Q4J D . -5.59 4.78 -7.39
CBF Q4J D . -6.64 5.69 -7.16
NBE Q4J D . -6.75 6.35 -6.01
NBG Q4J D . -6.10 6.92 -3.81
NBH Q4J D . -5.41 6.73 -2.59
CBI Q4J D . -5.83 7.60 -1.73
CBJ Q4J D . -6.81 8.39 -2.34
FBL Q4J D . -7.47 9.40 -1.74
CBK Q4J D . -6.95 7.97 -3.61
#